data_7ZGT
#
_entry.id   7ZGT
#
_cell.length_a   71.050
_cell.length_b   87.490
_cell.length_c   89.000
_cell.angle_alpha   90.000
_cell.angle_beta   90.000
_cell.angle_gamma   90.000
#
_symmetry.space_group_name_H-M   'P 21 21 21'
#
loop_
_entity.id
_entity.type
_entity.pdbx_description
1 polymer Methyltransferase
2 non-polymer 'PHOSPHATE ION'
3 non-polymer 'POTASSIUM ION'
4 non-polymer 'FORMIC ACID'
5 water water
#
_entity_poly.entity_id   1
_entity_poly.type   'polypeptide(L)'
_entity_poly.pdbx_seq_one_letter_code
;MMQGQPHQDAGMPEPYAATADVYDRLVDYAIAEWGECPRPQMADFVEQAWAARGHRVRRVLELCCGTGLMTEQLVRRGYE
VTAVDRSETMLALAKQRVGGAADFHQIELPAPLPDGADAVVCTAAAFNYQASARSLGETLRAVATVLPAGATFVFDIETA
ALLKGHWGNRVWAADEGDLAFIWDFTSEPDTTYCDVHYTQFTRHEAGADAYTGVREVHRLYAFDHDTVRAQARAAGFAQA
EVFDNYTERPATDTTRYETWVLTRDERSRHHHHHH
;
_entity_poly.pdbx_strand_id   A,B
#
loop_
_chem_comp.id
_chem_comp.type
_chem_comp.name
_chem_comp.formula
FMT non-polymer 'FORMIC ACID' 'C H2 O2'
K non-polymer 'POTASSIUM ION' 'K 1'
PO4 non-polymer 'PHOSPHATE ION' 'O4 P -3'
#
# COMPACT_ATOMS: atom_id res chain seq x y z
N ALA A 17 -6.41 -13.15 16.39
CA ALA A 17 -7.02 -13.46 15.11
C ALA A 17 -7.60 -12.21 14.47
N ALA A 18 -7.76 -12.24 13.15
CA ALA A 18 -8.28 -11.10 12.41
C ALA A 18 -9.77 -10.93 12.68
N THR A 19 -10.12 -9.84 13.36
CA THR A 19 -11.51 -9.60 13.71
C THR A 19 -12.32 -9.16 12.49
N ALA A 20 -13.64 -9.12 12.65
CA ALA A 20 -14.51 -8.68 11.57
C ALA A 20 -14.33 -7.21 11.25
N ASP A 21 -13.87 -6.40 12.21
CA ASP A 21 -13.65 -4.98 11.95
C ASP A 21 -12.47 -4.77 11.01
N VAL A 22 -11.41 -5.58 11.16
CA VAL A 22 -10.26 -5.45 10.26
C VAL A 22 -10.62 -5.89 8.85
N TYR A 23 -11.37 -7.00 8.73
CA TYR A 23 -11.81 -7.44 7.41
C TYR A 23 -12.72 -6.40 6.76
N ASP A 24 -13.56 -5.73 7.56
CA ASP A 24 -14.43 -4.69 7.02
C ASP A 24 -13.61 -3.52 6.49
N ARG A 25 -12.59 -3.09 7.24
CA ARG A 25 -11.75 -1.99 6.77
C ARG A 25 -10.92 -2.39 5.56
N LEU A 26 -10.60 -3.68 5.42
CA LEU A 26 -9.98 -4.15 4.19
C LEU A 26 -10.93 -4.01 3.01
N VAL A 27 -12.21 -4.34 3.20
CA VAL A 27 -13.19 -4.17 2.15
C VAL A 27 -13.37 -2.69 1.83
N ASP A 28 -13.40 -1.84 2.85
CA ASP A 28 -13.51 -0.40 2.62
C ASP A 28 -12.34 0.13 1.80
N TYR A 29 -11.15 -0.41 2.04
CA TYR A 29 -9.98 0.02 1.26
C TYR A 29 -10.05 -0.48 -0.17
N ALA A 30 -10.54 -1.71 -0.37
CA ALA A 30 -10.71 -2.23 -1.72
C ALA A 30 -11.74 -1.43 -2.50
N ILE A 31 -12.74 -0.88 -1.82
CA ILE A 31 -13.74 -0.05 -2.48
C ILE A 31 -13.10 1.27 -2.93
N ALA A 32 -12.34 1.89 -2.03
CA ALA A 32 -11.80 3.22 -2.34
C ALA A 32 -10.65 3.16 -3.33
N GLU A 33 -9.75 2.19 -3.18
CA GLU A 33 -8.52 2.14 -3.96
C GLU A 33 -8.52 1.10 -5.06
N TRP A 34 -9.25 -0.01 -4.91
CA TRP A 34 -9.18 -1.11 -5.86
C TRP A 34 -10.44 -1.24 -6.71
N GLY A 35 -11.38 -0.32 -6.59
CA GLY A 35 -12.58 -0.34 -7.41
C GLY A 35 -13.61 -1.37 -7.03
N GLU A 36 -13.51 -1.96 -5.83
CA GLU A 36 -14.44 -3.00 -5.43
C GLU A 36 -15.82 -2.41 -5.15
N CYS A 37 -16.85 -3.19 -5.44
CA CYS A 37 -18.23 -2.73 -5.30
C CYS A 37 -18.64 -2.78 -3.83
N PRO A 38 -19.27 -1.72 -3.30
CA PRO A 38 -19.77 -1.78 -1.92
C PRO A 38 -20.89 -2.80 -1.78
N ARG A 39 -20.93 -3.44 -0.61
CA ARG A 39 -21.87 -4.53 -0.39
C ARG A 39 -23.33 -4.10 -0.49
N PRO A 40 -23.77 -2.93 -0.02
CA PRO A 40 -25.15 -2.51 -0.28
C PRO A 40 -25.48 -2.45 -1.77
N GLN A 41 -24.53 -2.02 -2.60
CA GLN A 41 -24.78 -1.98 -4.04
C GLN A 41 -24.87 -3.39 -4.63
N MET A 42 -24.09 -4.34 -4.11
CA MET A 42 -24.20 -5.71 -4.56
C MET A 42 -25.59 -6.27 -4.31
N ALA A 43 -26.10 -6.08 -3.09
CA ALA A 43 -27.44 -6.57 -2.77
C ALA A 43 -28.51 -5.83 -3.55
N ASP A 44 -28.32 -4.53 -3.77
CA ASP A 44 -29.25 -3.77 -4.60
C ASP A 44 -29.31 -4.33 -6.01
N PHE A 45 -28.15 -4.52 -6.64
CA PHE A 45 -28.10 -5.09 -7.99
C PHE A 45 -28.68 -6.49 -8.01
N VAL A 46 -28.45 -7.27 -6.94
CA VAL A 46 -28.93 -8.64 -6.91
C VAL A 46 -30.45 -8.67 -6.75
N GLU A 47 -30.98 -7.85 -5.85
CA GLU A 47 -32.43 -7.74 -5.71
C GLU A 47 -33.07 -7.27 -7.01
N GLN A 48 -32.50 -6.22 -7.62
CA GLN A 48 -33.05 -5.71 -8.87
C GLN A 48 -32.94 -6.73 -9.99
N ALA A 49 -31.88 -7.55 -9.99
CA ALA A 49 -31.76 -8.60 -11.01
C ALA A 49 -32.87 -9.63 -10.85
N TRP A 50 -33.19 -10.01 -9.61
CA TRP A 50 -34.24 -10.98 -9.36
C TRP A 50 -35.60 -10.46 -9.81
N ALA A 51 -35.92 -9.21 -9.46
CA ALA A 51 -37.22 -8.65 -9.82
C ALA A 51 -37.34 -8.39 -11.32
N ALA A 52 -36.24 -7.96 -11.95
CA ALA A 52 -36.28 -7.62 -13.37
C ALA A 52 -36.49 -8.85 -14.25
N ARG A 53 -36.18 -10.04 -13.76
N ARG A 53 -36.18 -10.05 -13.76
CA ARG A 53 -36.32 -11.28 -14.52
CA ARG A 53 -36.32 -11.27 -14.53
C ARG A 53 -37.52 -12.10 -14.09
C ARG A 53 -37.53 -12.10 -14.10
N GLY A 54 -38.45 -11.51 -13.34
CA GLY A 54 -39.66 -12.20 -12.95
C GLY A 54 -39.47 -13.36 -11.99
N HIS A 55 -38.61 -13.19 -10.99
CA HIS A 55 -38.29 -14.24 -10.03
C HIS A 55 -38.84 -13.87 -8.67
N ARG A 56 -39.74 -14.70 -8.15
CA ARG A 56 -40.20 -14.58 -6.78
C ARG A 56 -39.18 -15.27 -5.88
N VAL A 57 -38.34 -14.49 -5.22
CA VAL A 57 -37.24 -15.01 -4.41
C VAL A 57 -37.54 -14.71 -2.96
N ARG A 58 -37.68 -15.76 -2.15
CA ARG A 58 -37.80 -15.66 -0.71
C ARG A 58 -36.65 -16.32 0.03
N ARG A 59 -36.21 -17.48 -0.42
CA ARG A 59 -35.10 -18.21 0.18
C ARG A 59 -33.86 -18.07 -0.68
N VAL A 60 -32.75 -17.70 -0.07
CA VAL A 60 -31.50 -17.43 -0.77
C VAL A 60 -30.41 -18.30 -0.16
N LEU A 61 -29.65 -18.97 -1.01
CA LEU A 61 -28.45 -19.69 -0.60
C LEU A 61 -27.22 -18.87 -0.97
N GLU A 62 -26.36 -18.61 0.01
CA GLU A 62 -25.15 -17.83 -0.19
C GLU A 62 -23.94 -18.74 -0.04
N LEU A 63 -23.19 -18.90 -1.13
CA LEU A 63 -21.97 -19.69 -1.10
C LEU A 63 -20.81 -18.81 -0.64
N CYS A 64 -19.99 -19.36 0.26
CA CYS A 64 -18.80 -18.67 0.78
C CYS A 64 -19.15 -17.29 1.33
N CYS A 65 -19.92 -17.31 2.43
CA CYS A 65 -20.41 -16.08 3.03
C CYS A 65 -19.29 -15.24 3.63
N GLY A 66 -18.17 -15.86 4.00
CA GLY A 66 -17.07 -15.11 4.58
C GLY A 66 -17.44 -14.58 5.95
N THR A 67 -17.17 -13.30 6.17
CA THR A 67 -17.50 -12.66 7.45
C THR A 67 -18.97 -12.27 7.55
N GLY A 68 -19.72 -12.36 6.46
CA GLY A 68 -21.15 -12.11 6.51
C GLY A 68 -21.60 -10.74 6.07
N LEU A 69 -20.80 -10.01 5.30
CA LEU A 69 -21.23 -8.69 4.83
C LEU A 69 -22.43 -8.81 3.89
N MET A 70 -22.36 -9.73 2.93
CA MET A 70 -23.50 -9.94 2.04
C MET A 70 -24.65 -10.63 2.76
N THR A 71 -24.34 -11.49 3.74
CA THR A 71 -25.40 -12.14 4.52
C THR A 71 -26.20 -11.12 5.31
N GLU A 72 -25.52 -10.14 5.90
CA GLU A 72 -26.22 -9.11 6.67
C GLU A 72 -27.16 -8.29 5.79
N GLN A 73 -26.75 -8.01 4.56
CA GLN A 73 -27.62 -7.27 3.65
C GLN A 73 -28.85 -8.09 3.28
N LEU A 74 -28.68 -9.37 2.99
CA LEU A 74 -29.81 -10.20 2.60
C LEU A 74 -30.78 -10.43 3.76
N VAL A 75 -30.29 -10.41 4.99
CA VAL A 75 -31.17 -10.60 6.14
C VAL A 75 -31.94 -9.32 6.45
N ARG A 76 -31.27 -8.17 6.37
CA ARG A 76 -31.96 -6.89 6.58
C ARG A 76 -33.07 -6.68 5.57
N ARG A 77 -32.91 -7.20 4.36
CA ARG A 77 -33.89 -7.04 3.29
C ARG A 77 -34.99 -8.10 3.33
N GLY A 78 -35.03 -8.93 4.37
CA GLY A 78 -36.15 -9.81 4.60
C GLY A 78 -36.12 -11.15 3.90
N TYR A 79 -34.95 -11.64 3.51
CA TYR A 79 -34.84 -12.93 2.84
C TYR A 79 -34.50 -14.02 3.84
N GLU A 80 -34.96 -15.23 3.54
CA GLU A 80 -34.62 -16.42 4.32
C GLU A 80 -33.29 -16.94 3.82
N VAL A 81 -32.21 -16.58 4.51
CA VAL A 81 -30.86 -16.79 4.02
C VAL A 81 -30.29 -18.08 4.60
N THR A 82 -29.66 -18.88 3.74
CA THR A 82 -28.84 -20.01 4.15
C THR A 82 -27.43 -19.76 3.64
N ALA A 83 -26.49 -19.58 4.57
CA ALA A 83 -25.12 -19.20 4.24
C ALA A 83 -24.17 -20.33 4.56
N VAL A 84 -23.29 -20.66 3.61
CA VAL A 84 -22.31 -21.72 3.77
C VAL A 84 -20.92 -21.14 3.53
N ASP A 85 -19.91 -21.81 4.09
CA ASP A 85 -18.52 -21.44 3.91
C ASP A 85 -17.65 -22.58 4.38
N ARG A 86 -16.49 -22.72 3.74
CA ARG A 86 -15.59 -23.82 4.09
C ARG A 86 -14.85 -23.56 5.40
N SER A 87 -14.67 -22.29 5.76
CA SER A 87 -13.89 -21.93 6.94
C SER A 87 -14.81 -21.81 8.15
N GLU A 88 -14.51 -22.56 9.20
CA GLU A 88 -15.28 -22.45 10.44
C GLU A 88 -15.02 -21.14 11.15
N THR A 89 -13.82 -20.58 11.01
N THR A 89 -13.82 -20.58 11.01
CA THR A 89 -13.52 -19.30 11.66
CA THR A 89 -13.52 -19.30 11.65
C THR A 89 -14.25 -18.15 10.98
C THR A 89 -14.28 -18.16 10.99
N MET A 90 -14.46 -18.23 9.66
CA MET A 90 -15.24 -17.21 8.97
C MET A 90 -16.72 -17.29 9.32
N LEU A 91 -17.23 -18.51 9.55
CA LEU A 91 -18.64 -18.66 9.94
C LEU A 91 -18.89 -18.05 11.31
N ALA A 92 -17.93 -18.17 12.22
CA ALA A 92 -18.08 -17.58 13.55
C ALA A 92 -18.22 -16.06 13.46
N LEU A 93 -17.46 -15.43 12.55
CA LEU A 93 -17.62 -14.00 12.33
C LEU A 93 -18.93 -13.67 11.65
N ALA A 94 -19.48 -14.62 10.88
CA ALA A 94 -20.75 -14.38 10.21
C ALA A 94 -21.94 -14.56 11.15
N LYS A 95 -21.89 -15.58 12.02
CA LYS A 95 -22.98 -15.77 12.98
C LYS A 95 -23.03 -14.64 14.00
N GLN A 96 -21.90 -14.03 14.33
CA GLN A 96 -21.89 -12.92 15.26
C GLN A 96 -22.48 -11.66 14.63
N ARG A 97 -22.27 -11.46 13.34
CA ARG A 97 -22.79 -10.26 12.68
C ARG A 97 -24.29 -10.35 12.42
N VAL A 98 -24.78 -11.54 12.04
CA VAL A 98 -26.16 -11.71 11.64
C VAL A 98 -26.99 -12.26 12.80
N GLY A 99 -26.59 -13.41 13.31
CA GLY A 99 -27.30 -14.08 14.39
C GLY A 99 -28.04 -15.31 13.91
N GLY A 100 -29.03 -15.71 14.69
CA GLY A 100 -29.84 -16.87 14.37
C GLY A 100 -30.82 -16.68 13.24
N ALA A 101 -30.89 -15.48 12.66
CA ALA A 101 -31.83 -15.22 11.57
C ALA A 101 -31.47 -15.96 10.30
N ALA A 102 -30.24 -16.45 10.18
CA ALA A 102 -29.79 -17.19 9.02
C ALA A 102 -29.24 -18.54 9.45
N ASP A 103 -29.36 -19.53 8.56
CA ASP A 103 -28.81 -20.85 8.80
C ASP A 103 -27.39 -20.91 8.22
N PHE A 104 -26.45 -21.34 9.05
CA PHE A 104 -25.03 -21.40 8.67
C PHE A 104 -24.57 -22.84 8.69
N HIS A 105 -23.90 -23.26 7.61
CA HIS A 105 -23.38 -24.61 7.50
C HIS A 105 -21.95 -24.55 6.97
N GLN A 106 -21.19 -25.62 7.23
CA GLN A 106 -19.80 -25.73 6.79
C GLN A 106 -19.76 -26.64 5.57
N ILE A 107 -19.48 -26.05 4.41
CA ILE A 107 -19.42 -26.77 3.15
C ILE A 107 -18.26 -26.23 2.33
N GLU A 108 -17.38 -27.12 1.88
CA GLU A 108 -16.23 -26.75 1.05
C GLU A 108 -16.55 -27.13 -0.40
N LEU A 109 -16.68 -26.13 -1.27
CA LEU A 109 -17.02 -26.40 -2.65
C LEU A 109 -15.82 -27.02 -3.38
N PRO A 110 -16.05 -28.02 -4.25
CA PRO A 110 -17.38 -28.58 -4.56
C PRO A 110 -17.86 -29.61 -3.55
N ALA A 111 -19.15 -29.56 -3.23
CA ALA A 111 -19.77 -30.47 -2.26
C ALA A 111 -21.28 -30.36 -2.41
N PRO A 112 -22.03 -31.37 -1.98
CA PRO A 112 -23.49 -31.30 -2.08
C PRO A 112 -24.07 -30.15 -1.26
N LEU A 113 -24.91 -29.35 -1.89
CA LEU A 113 -25.53 -28.17 -1.32
C LEU A 113 -26.93 -28.48 -0.82
N PRO A 114 -27.45 -27.70 0.13
CA PRO A 114 -28.81 -27.91 0.59
C PRO A 114 -29.85 -27.40 -0.41
N ASP A 115 -31.02 -28.00 -0.36
CA ASP A 115 -32.13 -27.67 -1.25
C ASP A 115 -33.03 -26.60 -0.63
N GLY A 116 -33.95 -26.10 -1.44
CA GLY A 116 -34.97 -25.17 -0.97
C GLY A 116 -34.74 -23.71 -1.31
N ALA A 117 -33.67 -23.39 -2.04
CA ALA A 117 -33.35 -22.01 -2.35
C ALA A 117 -33.98 -21.59 -3.67
N ASP A 118 -34.50 -20.36 -3.71
CA ASP A 118 -35.00 -19.77 -4.93
C ASP A 118 -33.88 -19.14 -5.76
N ALA A 119 -32.76 -18.81 -5.12
CA ALA A 119 -31.63 -18.19 -5.82
C ALA A 119 -30.37 -18.50 -5.04
N VAL A 120 -29.24 -18.48 -5.74
CA VAL A 120 -27.93 -18.73 -5.16
C VAL A 120 -27.03 -17.54 -5.47
N VAL A 121 -26.26 -17.11 -4.46
CA VAL A 121 -25.34 -15.99 -4.62
C VAL A 121 -23.98 -16.38 -4.06
N CYS A 122 -22.93 -15.76 -4.60
CA CYS A 122 -21.56 -16.01 -4.14
C CYS A 122 -20.75 -14.77 -4.48
N THR A 123 -20.56 -13.88 -3.51
CA THR A 123 -19.93 -12.59 -3.73
C THR A 123 -18.48 -12.60 -3.23
N ALA A 124 -17.86 -11.42 -3.27
CA ALA A 124 -16.51 -11.20 -2.74
C ALA A 124 -15.46 -12.05 -3.46
N ALA A 125 -15.68 -12.34 -4.74
CA ALA A 125 -14.71 -13.02 -5.59
C ALA A 125 -14.29 -14.38 -5.04
N ALA A 126 -15.19 -15.04 -4.32
CA ALA A 126 -14.84 -16.33 -3.71
C ALA A 126 -14.60 -17.40 -4.77
N PHE A 127 -15.19 -17.26 -5.95
CA PHE A 127 -15.02 -18.25 -7.01
C PHE A 127 -13.62 -18.26 -7.59
N ASN A 128 -12.82 -17.21 -7.35
CA ASN A 128 -11.44 -17.21 -7.81
C ASN A 128 -10.59 -18.24 -7.06
N TYR A 129 -11.08 -18.76 -5.94
CA TYR A 129 -10.36 -19.80 -5.21
C TYR A 129 -10.49 -21.18 -5.84
N GLN A 130 -11.35 -21.34 -6.84
CA GLN A 130 -11.47 -22.62 -7.53
C GLN A 130 -10.15 -22.96 -8.22
N ALA A 131 -9.60 -24.13 -7.88
CA ALA A 131 -8.23 -24.46 -8.30
C ALA A 131 -8.11 -24.71 -9.80
N SER A 132 -9.21 -25.05 -10.48
CA SER A 132 -9.13 -25.37 -11.90
C SER A 132 -10.50 -25.19 -12.53
N ALA A 133 -10.52 -25.30 -13.86
CA ALA A 133 -11.79 -25.21 -14.58
C ALA A 133 -12.69 -26.39 -14.27
N ARG A 134 -12.12 -27.57 -14.04
CA ARG A 134 -12.91 -28.73 -13.63
C ARG A 134 -13.58 -28.47 -12.29
N SER A 135 -12.81 -27.96 -11.32
CA SER A 135 -13.39 -27.64 -10.01
C SER A 135 -14.46 -26.57 -10.14
N LEU A 136 -14.27 -25.61 -11.04
CA LEU A 136 -15.30 -24.60 -11.30
C LEU A 136 -16.56 -25.24 -11.85
N GLY A 137 -16.42 -26.17 -12.80
CA GLY A 137 -17.58 -26.84 -13.34
C GLY A 137 -18.28 -27.72 -12.32
N GLU A 138 -17.51 -28.39 -11.47
CA GLU A 138 -18.11 -29.23 -10.44
C GLU A 138 -18.90 -28.38 -9.44
N THR A 139 -18.40 -27.20 -9.10
CA THR A 139 -19.14 -26.31 -8.21
C THR A 139 -20.41 -25.79 -8.88
N LEU A 140 -20.32 -25.43 -10.17
CA LEU A 140 -21.51 -24.98 -10.88
C LEU A 140 -22.54 -26.10 -11.01
N ARG A 141 -22.09 -27.35 -11.14
CA ARG A 141 -23.02 -28.47 -11.19
C ARG A 141 -23.75 -28.65 -9.86
N ALA A 142 -23.03 -28.48 -8.75
CA ALA A 142 -23.67 -28.59 -7.43
C ALA A 142 -24.71 -27.51 -7.22
N VAL A 143 -24.52 -26.35 -7.86
CA VAL A 143 -25.50 -25.27 -7.76
C VAL A 143 -26.72 -25.57 -8.62
N ALA A 144 -26.50 -26.10 -9.82
CA ALA A 144 -27.62 -26.41 -10.71
C ALA A 144 -28.49 -27.52 -10.14
N THR A 145 -27.91 -28.42 -9.34
CA THR A 145 -28.69 -29.50 -8.75
C THR A 145 -29.75 -28.98 -7.79
N VAL A 146 -29.48 -27.88 -7.09
CA VAL A 146 -30.39 -27.34 -6.09
C VAL A 146 -31.21 -26.18 -6.62
N LEU A 147 -31.10 -25.85 -7.91
CA LEU A 147 -31.84 -24.74 -8.48
C LEU A 147 -32.93 -25.25 -9.40
N PRO A 148 -34.16 -24.75 -9.28
CA PRO A 148 -35.20 -25.10 -10.26
C PRO A 148 -34.95 -24.39 -11.58
N ALA A 149 -35.64 -24.87 -12.62
CA ALA A 149 -35.51 -24.29 -13.94
C ALA A 149 -35.90 -22.82 -13.91
N GLY A 150 -35.04 -21.97 -14.48
CA GLY A 150 -35.27 -20.55 -14.50
C GLY A 150 -34.66 -19.78 -13.35
N ALA A 151 -34.36 -20.44 -12.23
CA ALA A 151 -33.75 -19.75 -11.11
C ALA A 151 -32.34 -19.30 -11.47
N THR A 152 -31.84 -18.31 -10.72
CA THR A 152 -30.60 -17.63 -11.06
C THR A 152 -29.49 -17.92 -10.05
N PHE A 153 -28.26 -17.87 -10.55
CA PHE A 153 -27.06 -17.94 -9.72
C PHE A 153 -26.19 -16.75 -10.08
N VAL A 154 -25.95 -15.87 -9.11
CA VAL A 154 -25.18 -14.66 -9.33
C VAL A 154 -23.88 -14.77 -8.53
N PHE A 155 -22.75 -14.58 -9.21
CA PHE A 155 -21.46 -14.55 -8.55
C PHE A 155 -20.57 -13.53 -9.25
N ASP A 156 -19.49 -13.16 -8.60
CA ASP A 156 -18.51 -12.25 -9.19
C ASP A 156 -17.12 -12.85 -9.09
N ILE A 157 -16.31 -12.60 -10.11
CA ILE A 157 -14.92 -13.05 -10.16
C ILE A 157 -14.04 -11.88 -10.55
N GLU A 158 -12.84 -11.82 -9.98
CA GLU A 158 -11.86 -10.86 -10.42
C GLU A 158 -11.29 -11.28 -11.76
N THR A 159 -11.02 -10.30 -12.63
CA THR A 159 -10.57 -10.60 -13.98
C THR A 159 -9.06 -10.87 -13.99
N ALA A 160 -8.60 -11.41 -15.12
CA ALA A 160 -7.17 -11.67 -15.28
C ALA A 160 -6.37 -10.38 -15.26
N ALA A 161 -6.93 -9.30 -15.82
CA ALA A 161 -6.23 -8.02 -15.83
C ALA A 161 -6.02 -7.49 -14.41
N LEU A 162 -6.99 -7.74 -13.51
CA LEU A 162 -6.82 -7.35 -12.13
C LEU A 162 -5.81 -8.27 -11.43
N LEU A 163 -5.95 -9.58 -11.63
CA LEU A 163 -5.06 -10.53 -10.98
C LEU A 163 -3.63 -10.41 -11.48
N LYS A 164 -3.44 -9.94 -12.72
CA LYS A 164 -2.09 -9.77 -13.24
C LYS A 164 -1.45 -8.49 -12.74
N GLY A 165 -2.24 -7.48 -12.39
CA GLY A 165 -1.71 -6.25 -11.85
C GLY A 165 -1.68 -5.11 -12.85
N HIS A 166 -2.68 -5.04 -13.73
N HIS A 166 -2.69 -5.05 -13.73
CA HIS A 166 -2.72 -3.97 -14.72
CA HIS A 166 -2.75 -3.98 -14.71
C HIS A 166 -3.16 -2.63 -14.13
C HIS A 166 -3.05 -2.63 -14.08
N TRP A 167 -3.78 -2.63 -12.95
CA TRP A 167 -4.14 -1.41 -12.24
C TRP A 167 -3.28 -1.19 -11.00
N GLY A 168 -2.04 -1.68 -11.02
CA GLY A 168 -1.15 -1.55 -9.90
C GLY A 168 -1.20 -2.76 -8.98
N ASN A 169 -0.20 -2.84 -8.10
CA ASN A 169 -0.11 -3.93 -7.14
C ASN A 169 -1.05 -3.67 -5.97
N ARG A 170 -1.82 -4.68 -5.60
CA ARG A 170 -2.74 -4.59 -4.47
C ARG A 170 -1.99 -5.01 -3.20
N VAL A 171 -1.96 -4.11 -2.23
CA VAL A 171 -1.38 -4.41 -0.92
C VAL A 171 -2.11 -3.57 0.12
N TRP A 172 -2.39 -4.16 1.27
CA TRP A 172 -2.99 -3.44 2.37
C TRP A 172 -2.48 -4.01 3.69
N ALA A 173 -2.63 -3.22 4.75
CA ALA A 173 -2.14 -3.61 6.05
C ALA A 173 -2.88 -2.82 7.12
N ALA A 174 -2.93 -3.38 8.32
CA ALA A 174 -3.60 -2.75 9.45
C ALA A 174 -2.78 -3.01 10.70
N ASP A 175 -2.48 -1.93 11.43
CA ASP A 175 -1.74 -2.01 12.69
C ASP A 175 -2.74 -1.77 13.81
N GLU A 176 -3.32 -2.85 14.32
CA GLU A 176 -4.13 -2.77 15.52
C GLU A 176 -3.20 -2.77 16.74
N GLY A 177 -3.78 -2.82 17.93
CA GLY A 177 -2.88 -2.77 19.09
C GLY A 177 -2.05 -4.04 19.20
N ASP A 178 -2.68 -5.12 19.69
CA ASP A 178 -1.92 -6.34 19.89
C ASP A 178 -1.79 -7.17 18.62
N LEU A 179 -2.42 -6.76 17.52
CA LEU A 179 -2.42 -7.52 16.28
C LEU A 179 -2.04 -6.64 15.11
N ALA A 180 -1.42 -7.24 14.10
CA ALA A 180 -1.04 -6.54 12.89
C ALA A 180 -1.17 -7.51 11.72
N PHE A 181 -1.59 -6.99 10.57
CA PHE A 181 -1.92 -7.82 9.42
C PHE A 181 -1.37 -7.19 8.15
N ILE A 182 -0.97 -8.04 7.21
CA ILE A 182 -0.45 -7.61 5.91
C ILE A 182 -1.03 -8.52 4.84
N TRP A 183 -1.69 -7.95 3.84
CA TRP A 183 -2.16 -8.67 2.67
C TRP A 183 -1.38 -8.15 1.45
N ASP A 184 -0.56 -9.03 0.87
CA ASP A 184 0.25 -8.67 -0.29
C ASP A 184 -0.16 -9.56 -1.46
N PHE A 185 -0.77 -8.96 -2.48
CA PHE A 185 -1.19 -9.69 -3.68
C PHE A 185 -0.06 -9.64 -4.70
N THR A 186 0.58 -10.79 -4.94
CA THR A 186 1.67 -10.89 -5.90
C THR A 186 1.24 -11.71 -7.10
N SER A 187 1.77 -11.34 -8.27
CA SER A 187 1.40 -12.00 -9.52
C SER A 187 2.66 -12.27 -10.34
N GLU A 188 2.92 -13.54 -10.63
CA GLU A 188 4.04 -13.90 -11.49
C GLU A 188 3.65 -13.75 -12.96
N PRO A 189 4.56 -13.28 -13.81
CA PRO A 189 4.20 -13.00 -15.21
C PRO A 189 3.98 -14.26 -16.04
N ASP A 190 4.38 -15.44 -15.58
CA ASP A 190 4.28 -16.66 -16.34
C ASP A 190 3.08 -17.52 -15.94
N THR A 191 2.28 -17.07 -14.99
CA THR A 191 1.10 -17.81 -14.55
C THR A 191 -0.14 -16.96 -14.70
N THR A 192 -1.30 -17.63 -14.59
CA THR A 192 -2.60 -16.96 -14.66
C THR A 192 -3.25 -16.82 -13.29
N TYR A 193 -2.50 -16.98 -12.21
CA TYR A 193 -3.04 -16.89 -10.87
C TYR A 193 -2.30 -15.81 -10.08
N CYS A 194 -2.91 -15.45 -8.95
CA CYS A 194 -2.35 -14.46 -8.02
C CYS A 194 -2.22 -15.11 -6.65
N ASP A 195 -1.07 -14.90 -6.02
CA ASP A 195 -0.80 -15.44 -4.68
C ASP A 195 -1.00 -14.34 -3.66
N VAL A 196 -1.88 -14.60 -2.68
CA VAL A 196 -2.15 -13.67 -1.60
C VAL A 196 -1.27 -14.07 -0.42
N HIS A 197 -0.28 -13.26 -0.10
CA HIS A 197 0.60 -13.50 1.03
C HIS A 197 0.05 -12.78 2.26
N TYR A 198 -0.55 -13.55 3.17
CA TYR A 198 -1.14 -13.01 4.38
C TYR A 198 -0.17 -13.19 5.53
N THR A 199 0.11 -12.10 6.25
CA THR A 199 1.00 -12.10 7.39
C THR A 199 0.27 -11.57 8.60
N GLN A 200 0.47 -12.22 9.75
CA GLN A 200 -0.20 -11.83 10.99
C GLN A 200 0.82 -11.78 12.12
N PHE A 201 0.83 -10.68 12.86
CA PHE A 201 1.69 -10.50 14.02
C PHE A 201 0.81 -10.37 15.25
N THR A 202 1.17 -11.11 16.31
CA THR A 202 0.39 -11.14 17.54
C THR A 202 1.28 -10.80 18.71
N ARG A 203 0.88 -9.80 19.50
CA ARG A 203 1.64 -9.42 20.68
C ARG A 203 1.60 -10.52 21.72
N HIS A 204 2.79 -10.93 22.19
CA HIS A 204 2.86 -12.01 23.18
C HIS A 204 2.17 -11.61 24.48
N GLU A 205 2.72 -10.60 25.16
CA GLU A 205 2.20 -10.14 26.44
C GLU A 205 1.86 -8.65 26.34
N ALA A 206 1.15 -8.16 27.35
CA ALA A 206 0.59 -6.80 27.29
C ALA A 206 1.68 -5.74 27.24
N GLY A 207 2.77 -5.95 27.97
CA GLY A 207 3.80 -4.92 28.09
C GLY A 207 4.82 -4.89 26.96
N ALA A 208 5.60 -5.96 26.83
CA ALA A 208 6.68 -5.98 25.86
C ALA A 208 6.15 -5.96 24.43
N ASP A 209 6.94 -5.37 23.52
CA ASP A 209 6.60 -5.32 22.11
C ASP A 209 7.16 -6.52 21.34
N ALA A 210 7.15 -7.71 21.95
CA ALA A 210 7.53 -8.94 21.28
C ALA A 210 6.31 -9.52 20.58
N TYR A 211 6.50 -9.97 19.34
CA TYR A 211 5.41 -10.43 18.51
C TYR A 211 5.74 -11.79 17.90
N THR A 212 4.69 -12.57 17.61
N THR A 212 4.69 -12.56 17.61
CA THR A 212 4.82 -13.84 16.92
CA THR A 212 4.78 -13.83 16.93
C THR A 212 4.24 -13.70 15.52
C THR A 212 4.23 -13.68 15.51
N GLY A 213 5.00 -14.13 14.52
CA GLY A 213 4.62 -14.00 13.13
C GLY A 213 4.06 -15.30 12.57
N VAL A 214 2.91 -15.19 11.91
CA VAL A 214 2.28 -16.29 11.21
C VAL A 214 2.04 -15.87 9.78
N ARG A 215 2.38 -16.74 8.83
CA ARG A 215 2.28 -16.42 7.40
C ARG A 215 1.50 -17.50 6.69
N GLU A 216 0.46 -17.08 5.95
CA GLU A 216 -0.33 -17.96 5.11
C GLU A 216 -0.30 -17.43 3.68
N VAL A 217 -0.46 -18.34 2.72
CA VAL A 217 -0.49 -17.98 1.31
C VAL A 217 -1.68 -18.67 0.65
N HIS A 218 -2.48 -17.89 -0.07
CA HIS A 218 -3.63 -18.40 -0.81
C HIS A 218 -3.49 -17.99 -2.27
N ARG A 219 -4.11 -18.77 -3.15
CA ARG A 219 -3.98 -18.59 -4.59
C ARG A 219 -5.33 -18.22 -5.19
N LEU A 220 -5.34 -17.17 -6.00
CA LEU A 220 -6.52 -16.72 -6.72
C LEU A 220 -6.34 -16.96 -8.20
N TYR A 221 -7.27 -17.67 -8.82
CA TYR A 221 -7.18 -18.05 -10.22
C TYR A 221 -8.11 -17.19 -11.07
N ALA A 222 -7.73 -17.02 -12.33
CA ALA A 222 -8.54 -16.29 -13.31
C ALA A 222 -9.16 -17.27 -14.30
N PHE A 223 -10.33 -16.90 -14.81
CA PHE A 223 -11.04 -17.71 -15.79
C PHE A 223 -11.54 -16.78 -16.90
N ASP A 224 -11.16 -17.08 -18.14
CA ASP A 224 -11.66 -16.28 -19.25
C ASP A 224 -13.11 -16.65 -19.55
N HIS A 225 -13.72 -15.87 -20.45
CA HIS A 225 -15.14 -16.02 -20.72
C HIS A 225 -15.46 -17.37 -21.36
N ASP A 226 -14.57 -17.87 -22.22
CA ASP A 226 -14.81 -19.16 -22.86
C ASP A 226 -14.91 -20.28 -21.82
N THR A 227 -14.04 -20.25 -20.81
CA THR A 227 -14.06 -21.30 -19.79
C THR A 227 -15.30 -21.19 -18.92
N VAL A 228 -15.63 -19.97 -18.47
CA VAL A 228 -16.81 -19.78 -17.63
C VAL A 228 -18.07 -20.21 -18.37
N ARG A 229 -18.20 -19.79 -19.63
CA ARG A 229 -19.40 -20.14 -20.40
C ARG A 229 -19.47 -21.64 -20.68
N ALA A 230 -18.33 -22.26 -20.98
CA ALA A 230 -18.33 -23.69 -21.28
C ALA A 230 -18.65 -24.51 -20.03
N GLN A 231 -18.07 -24.14 -18.89
CA GLN A 231 -18.33 -24.88 -17.65
C GLN A 231 -19.75 -24.64 -17.16
N ALA A 232 -20.25 -23.42 -17.29
CA ALA A 232 -21.63 -23.14 -16.92
C ALA A 232 -22.61 -23.87 -17.82
N ARG A 233 -22.36 -23.83 -19.13
CA ARG A 233 -23.22 -24.54 -20.08
C ARG A 233 -23.19 -26.04 -19.84
N ALA A 234 -22.04 -26.57 -19.44
CA ALA A 234 -21.94 -27.99 -19.14
C ALA A 234 -22.65 -28.34 -17.83
N ALA A 235 -22.73 -27.38 -16.90
CA ALA A 235 -23.38 -27.62 -15.62
C ALA A 235 -24.89 -27.43 -15.68
N GLY A 236 -25.42 -26.96 -16.79
CA GLY A 236 -26.83 -26.67 -16.92
C GLY A 236 -27.21 -25.20 -16.92
N PHE A 237 -26.27 -24.30 -17.22
CA PHE A 237 -26.52 -22.86 -17.32
C PHE A 237 -26.14 -22.42 -18.73
N ALA A 238 -27.02 -22.71 -19.69
CA ALA A 238 -26.76 -22.28 -21.06
C ALA A 238 -26.79 -20.76 -21.19
N GLN A 239 -27.60 -20.09 -20.41
CA GLN A 239 -27.70 -18.63 -20.43
C GLN A 239 -26.79 -18.05 -19.36
N ALA A 240 -25.78 -17.30 -19.80
CA ALA A 240 -24.81 -16.69 -18.89
C ALA A 240 -24.59 -15.25 -19.31
N GLU A 241 -24.92 -14.31 -18.43
CA GLU A 241 -24.74 -12.89 -18.67
C GLU A 241 -23.69 -12.35 -17.73
N VAL A 242 -22.75 -11.57 -18.26
CA VAL A 242 -21.66 -11.01 -17.48
C VAL A 242 -21.77 -9.49 -17.50
N PHE A 243 -21.62 -8.87 -16.33
CA PHE A 243 -21.76 -7.43 -16.17
C PHE A 243 -20.54 -6.89 -15.46
N ASP A 244 -20.39 -5.56 -15.52
CA ASP A 244 -19.22 -4.90 -14.94
C ASP A 244 -19.55 -4.49 -13.50
N ASN A 245 -19.13 -5.31 -12.56
CA ASN A 245 -19.10 -4.98 -11.12
C ASN A 245 -20.45 -4.47 -10.63
N TYR A 246 -21.46 -5.34 -10.75
CA TYR A 246 -22.79 -5.10 -10.19
C TYR A 246 -23.42 -3.82 -10.74
N THR A 247 -23.29 -3.62 -12.04
CA THR A 247 -23.98 -2.56 -12.77
C THR A 247 -24.55 -3.16 -14.04
N GLU A 248 -25.26 -2.35 -14.81
CA GLU A 248 -25.86 -2.80 -16.05
C GLU A 248 -24.94 -2.66 -17.25
N ARG A 249 -23.76 -2.05 -17.08
CA ARG A 249 -22.85 -1.92 -18.21
C ARG A 249 -22.13 -3.25 -18.47
N PRO A 250 -21.79 -3.53 -19.72
CA PRO A 250 -21.16 -4.81 -20.05
C PRO A 250 -19.73 -4.89 -19.53
N ALA A 251 -19.19 -6.10 -19.57
CA ALA A 251 -17.80 -6.32 -19.19
C ALA A 251 -16.89 -5.96 -20.36
N THR A 252 -15.87 -5.17 -20.08
CA THR A 252 -14.90 -4.72 -21.08
C THR A 252 -13.49 -5.11 -20.64
N ASP A 253 -12.51 -4.69 -21.44
CA ASP A 253 -11.11 -4.95 -21.10
C ASP A 253 -10.70 -4.21 -19.84
N THR A 254 -11.38 -3.13 -19.48
CA THR A 254 -11.11 -2.38 -18.27
C THR A 254 -11.86 -2.91 -17.05
N THR A 255 -12.67 -3.96 -17.22
CA THR A 255 -13.42 -4.52 -16.10
C THR A 255 -12.49 -5.25 -15.15
N ARG A 256 -12.55 -4.91 -13.87
CA ARG A 256 -11.77 -5.57 -12.84
C ARG A 256 -12.57 -6.62 -12.08
N TYR A 257 -13.88 -6.43 -11.94
CA TYR A 257 -14.75 -7.38 -11.28
C TYR A 257 -15.95 -7.65 -12.19
N GLU A 258 -16.10 -8.89 -12.62
CA GLU A 258 -17.19 -9.30 -13.48
C GLU A 258 -18.32 -9.89 -12.64
N THR A 259 -19.54 -9.45 -12.88
CA THR A 259 -20.72 -10.02 -12.24
C THR A 259 -21.41 -10.94 -13.24
N TRP A 260 -21.42 -12.23 -12.93
CA TRP A 260 -22.05 -13.23 -13.79
C TRP A 260 -23.43 -13.57 -13.24
N VAL A 261 -24.42 -13.58 -14.13
CA VAL A 261 -25.79 -13.95 -13.80
C VAL A 261 -26.16 -15.15 -14.65
N LEU A 262 -26.19 -16.33 -14.05
CA LEU A 262 -26.52 -17.56 -14.75
C LEU A 262 -27.97 -17.93 -14.49
N THR A 263 -28.63 -18.50 -15.49
CA THR A 263 -30.02 -18.94 -15.38
C THR A 263 -30.08 -20.44 -15.63
N ARG A 264 -30.67 -21.15 -14.67
CA ARG A 264 -30.78 -22.61 -14.78
C ARG A 264 -31.64 -22.99 -15.99
N ASP A 265 -31.13 -23.90 -16.81
CA ASP A 265 -31.87 -24.38 -17.97
C ASP A 265 -33.10 -25.17 -17.54
N GLU A 266 -34.00 -25.36 -18.49
CA GLU A 266 -35.08 -26.33 -18.32
C GLU A 266 -34.50 -27.74 -18.31
N ARG A 267 -34.97 -28.57 -17.37
CA ARG A 267 -34.43 -29.91 -17.26
C ARG A 267 -34.85 -30.81 -18.42
N SER A 268 -35.94 -30.46 -19.12
CA SER A 268 -36.26 -31.14 -20.37
C SER A 268 -35.55 -30.50 -21.55
N ARG A 269 -35.06 -29.27 -21.42
N ARG A 269 -35.09 -29.26 -21.42
CA ARG A 269 -34.35 -28.56 -22.48
CA ARG A 269 -34.39 -28.52 -22.47
C ARG A 269 -35.19 -28.46 -23.75
C ARG A 269 -35.16 -28.53 -23.79
N THR B 19 21.10 -3.59 12.29
CA THR B 19 20.28 -2.38 12.29
C THR B 19 20.50 -1.56 11.02
N ALA B 20 21.77 -1.45 10.61
CA ALA B 20 22.10 -0.69 9.41
C ALA B 20 21.49 -1.32 8.17
N ASP B 21 21.37 -2.65 8.15
CA ASP B 21 20.74 -3.31 7.01
C ASP B 21 19.23 -3.04 6.97
N VAL B 22 18.61 -2.83 8.13
CA VAL B 22 17.18 -2.53 8.16
C VAL B 22 16.91 -1.18 7.50
N TYR B 23 17.67 -0.16 7.90
CA TYR B 23 17.48 1.17 7.31
C TYR B 23 17.81 1.18 5.82
N ASP B 24 18.79 0.39 5.40
CA ASP B 24 19.13 0.33 3.98
C ASP B 24 18.01 -0.30 3.17
N ARG B 25 17.36 -1.34 3.71
CA ARG B 25 16.27 -1.99 3.00
C ARG B 25 15.01 -1.11 2.97
N LEU B 26 14.86 -0.22 3.96
CA LEU B 26 13.76 0.75 3.90
C LEU B 26 14.00 1.78 2.80
N VAL B 27 15.26 2.19 2.62
CA VAL B 27 15.59 3.12 1.53
C VAL B 27 15.38 2.44 0.18
N ASP B 28 15.74 1.16 0.08
CA ASP B 28 15.51 0.43 -1.16
C ASP B 28 14.04 0.43 -1.54
N TYR B 29 13.16 0.27 -0.56
CA TYR B 29 11.72 0.27 -0.83
C TYR B 29 11.27 1.62 -1.37
N ALA B 30 11.71 2.71 -0.73
CA ALA B 30 11.34 4.05 -1.18
C ALA B 30 11.83 4.31 -2.60
N ILE B 31 13.03 3.82 -2.92
CA ILE B 31 13.56 4.00 -4.28
C ILE B 31 12.72 3.22 -5.29
N ALA B 32 12.41 1.96 -4.97
CA ALA B 32 11.74 1.09 -5.93
C ALA B 32 10.25 1.43 -6.06
N GLU B 33 9.60 1.79 -4.95
CA GLU B 33 8.15 1.96 -4.95
C GLU B 33 7.70 3.40 -5.10
N TRP B 34 8.48 4.37 -4.63
CA TRP B 34 8.05 5.76 -4.62
C TRP B 34 8.88 6.65 -5.54
N GLY B 35 9.94 6.15 -6.14
CA GLY B 35 10.73 6.93 -7.07
C GLY B 35 11.87 7.71 -6.44
N GLU B 36 12.26 7.38 -5.22
CA GLU B 36 13.37 8.06 -4.57
C GLU B 36 14.67 7.77 -5.32
N CYS B 37 15.55 8.76 -5.35
CA CYS B 37 16.74 8.66 -6.18
C CYS B 37 17.80 7.79 -5.51
N PRO B 38 18.41 6.85 -6.22
CA PRO B 38 19.52 6.08 -5.64
C PRO B 38 20.66 6.99 -5.22
N ARG B 39 21.33 6.61 -4.14
CA ARG B 39 22.38 7.46 -3.59
C ARG B 39 23.53 7.73 -4.56
N PRO B 40 24.03 6.75 -5.34
CA PRO B 40 25.09 7.11 -6.32
C PRO B 40 24.65 8.16 -7.31
N GLN B 41 23.38 8.17 -7.71
CA GLN B 41 22.90 9.20 -8.63
C GLN B 41 22.70 10.54 -7.95
N MET B 42 22.50 10.56 -6.63
CA MET B 42 22.46 11.83 -5.90
C MET B 42 23.83 12.51 -5.94
N ALA B 43 24.88 11.75 -5.66
CA ALA B 43 26.22 12.32 -5.67
C ALA B 43 26.65 12.72 -7.08
N ASP B 44 26.14 12.03 -8.09
CA ASP B 44 26.43 12.41 -9.48
C ASP B 44 25.90 13.81 -9.78
N PHE B 45 24.64 14.07 -9.42
CA PHE B 45 24.06 15.39 -9.61
C PHE B 45 24.79 16.44 -8.78
N VAL B 46 25.14 16.10 -7.54
CA VAL B 46 25.82 17.05 -6.66
C VAL B 46 27.20 17.39 -7.19
N GLU B 47 27.93 16.40 -7.68
CA GLU B 47 29.23 16.66 -8.29
C GLU B 47 29.10 17.49 -9.56
N GLN B 48 28.12 17.15 -10.41
CA GLN B 48 27.92 17.89 -11.65
C GLN B 48 27.55 19.34 -11.38
N ALA B 49 26.75 19.58 -10.35
CA ALA B 49 26.39 20.95 -10.00
C ALA B 49 27.59 21.73 -9.48
N TRP B 50 28.39 21.10 -8.61
CA TRP B 50 29.55 21.77 -8.03
C TRP B 50 30.55 22.18 -9.10
N ALA B 51 30.73 21.35 -10.12
CA ALA B 51 31.70 21.62 -11.17
C ALA B 51 31.29 22.75 -12.11
N ALA B 52 30.12 23.35 -11.90
CA ALA B 52 29.64 24.41 -12.80
C ALA B 52 29.28 25.69 -12.06
N ARG B 53 29.76 25.86 -10.82
N ARG B 53 29.76 25.86 -10.82
CA ARG B 53 29.46 27.04 -10.04
CA ARG B 53 29.46 27.05 -10.04
C ARG B 53 30.66 27.95 -9.84
C ARG B 53 30.68 27.93 -9.80
N GLY B 54 31.84 27.55 -10.29
CA GLY B 54 33.02 28.38 -10.17
C GLY B 54 33.59 28.50 -8.77
N HIS B 55 33.31 27.53 -7.90
CA HIS B 55 33.86 27.50 -6.56
C HIS B 55 34.40 26.11 -6.28
N ARG B 56 35.68 26.02 -5.92
CA ARG B 56 36.30 24.73 -5.63
C ARG B 56 35.68 24.12 -4.39
N VAL B 57 35.19 22.89 -4.52
CA VAL B 57 34.55 22.17 -3.42
C VAL B 57 35.45 21.02 -3.02
N ARG B 58 35.91 21.05 -1.78
CA ARG B 58 36.76 20.00 -1.23
C ARG B 58 36.28 19.52 0.13
N ARG B 59 35.89 20.43 1.02
CA ARG B 59 35.30 20.09 2.30
C ARG B 59 33.77 20.19 2.19
N VAL B 60 33.09 19.13 2.60
CA VAL B 60 31.63 19.05 2.47
C VAL B 60 31.05 18.81 3.86
N LEU B 61 30.15 19.68 4.28
CA LEU B 61 29.38 19.49 5.50
C LEU B 61 28.07 18.81 5.14
N GLU B 62 27.89 17.57 5.58
CA GLU B 62 26.69 16.80 5.29
C GLU B 62 25.77 16.84 6.51
N LEU B 63 24.68 17.61 6.40
CA LEU B 63 23.62 17.52 7.39
C LEU B 63 22.78 16.27 7.14
N CYS B 64 22.09 15.85 8.19
N CYS B 64 22.11 15.82 8.19
CA CYS B 64 21.17 14.70 8.16
CA CYS B 64 21.14 14.72 8.09
C CYS B 64 21.80 13.51 7.42
C CYS B 64 21.77 13.47 7.45
N CYS B 65 23.01 13.15 7.86
CA CYS B 65 23.73 12.07 7.20
C CYS B 65 23.06 10.71 7.41
N GLY B 66 22.29 10.56 8.49
CA GLY B 66 21.59 9.30 8.70
C GLY B 66 22.55 8.15 8.92
N THR B 67 22.31 7.05 8.21
CA THR B 67 23.14 5.85 8.35
C THR B 67 24.38 5.88 7.46
N GLY B 68 24.62 6.97 6.73
CA GLY B 68 25.83 7.13 5.96
C GLY B 68 25.75 6.71 4.51
N LEU B 69 24.54 6.53 3.96
CA LEU B 69 24.43 6.13 2.56
C LEU B 69 24.98 7.21 1.64
N MET B 70 24.60 8.47 1.87
CA MET B 70 25.16 9.57 1.09
C MET B 70 26.58 9.91 1.55
N THR B 71 26.89 9.66 2.82
CA THR B 71 28.25 9.90 3.31
C THR B 71 29.25 9.01 2.60
N GLU B 72 28.89 7.75 2.35
CA GLU B 72 29.79 6.83 1.69
C GLU B 72 30.08 7.26 0.25
N GLN B 73 29.08 7.82 -0.44
CA GLN B 73 29.29 8.26 -1.80
C GLN B 73 30.24 9.46 -1.86
N LEU B 74 30.08 10.41 -0.94
CA LEU B 74 30.95 11.58 -0.93
C LEU B 74 32.38 11.20 -0.59
N VAL B 75 32.55 10.26 0.34
CA VAL B 75 33.91 9.83 0.72
C VAL B 75 34.56 9.07 -0.43
N ARG B 76 33.80 8.20 -1.10
CA ARG B 76 34.35 7.42 -2.20
C ARG B 76 34.85 8.33 -3.33
N ARG B 77 34.24 9.49 -3.50
CA ARG B 77 34.59 10.42 -4.57
C ARG B 77 35.66 11.42 -4.16
N GLY B 78 36.30 11.23 -3.01
CA GLY B 78 37.47 12.02 -2.65
C GLY B 78 37.17 13.33 -1.96
N TYR B 79 36.08 13.43 -1.22
CA TYR B 79 35.72 14.65 -0.50
C TYR B 79 36.04 14.50 0.98
N GLU B 80 36.38 15.63 1.60
CA GLU B 80 36.61 15.69 3.05
C GLU B 80 35.26 16.01 3.70
N VAL B 81 34.60 14.98 4.22
CA VAL B 81 33.20 15.07 4.63
C VAL B 81 33.12 15.26 6.14
N THR B 82 32.31 16.21 6.57
CA THR B 82 31.92 16.37 7.97
C THR B 82 30.43 16.06 8.06
N ALA B 83 30.08 14.90 8.60
CA ALA B 83 28.70 14.44 8.66
C ALA B 83 28.12 14.69 10.04
N VAL B 84 26.87 15.18 10.07
CA VAL B 84 26.16 15.44 11.32
C VAL B 84 24.74 14.91 11.21
N ASP B 85 24.16 14.60 12.36
CA ASP B 85 22.79 14.08 12.43
C ASP B 85 22.28 14.30 13.84
N ARG B 86 20.95 14.44 13.96
CA ARG B 86 20.35 14.69 15.26
C ARG B 86 20.26 13.45 16.13
N SER B 87 20.34 12.26 15.55
CA SER B 87 20.22 11.01 16.29
C SER B 87 21.59 10.40 16.53
N GLU B 88 21.78 9.83 17.73
CA GLU B 88 23.06 9.21 18.06
C GLU B 88 23.16 7.81 17.48
N THR B 89 22.06 7.04 17.49
CA THR B 89 22.09 5.70 16.92
C THR B 89 22.33 5.73 15.42
N MET B 90 21.86 6.78 14.74
CA MET B 90 22.12 6.91 13.31
C MET B 90 23.59 7.22 13.04
N LEU B 91 24.23 7.98 13.92
CA LEU B 91 25.64 8.30 13.72
C LEU B 91 26.53 7.07 13.91
N ALA B 92 26.18 6.21 14.86
CA ALA B 92 26.97 5.00 15.08
C ALA B 92 26.93 4.09 13.87
N LEU B 93 25.77 4.00 13.21
CA LEU B 93 25.67 3.21 11.99
C LEU B 93 26.43 3.87 10.84
N ALA B 94 26.39 5.20 10.78
CA ALA B 94 27.14 5.91 9.75
C ALA B 94 28.64 5.81 9.97
N LYS B 95 29.08 5.95 11.22
CA LYS B 95 30.51 5.80 11.53
C LYS B 95 30.97 4.36 11.38
N GLN B 96 30.05 3.40 11.41
CA GLN B 96 30.42 2.01 11.15
C GLN B 96 30.52 1.73 9.65
N ARG B 97 29.62 2.32 8.85
CA ARG B 97 29.63 2.08 7.42
C ARG B 97 30.85 2.71 6.76
N VAL B 98 31.08 3.99 7.01
CA VAL B 98 32.19 4.68 6.36
C VAL B 98 33.49 4.47 7.12
N GLY B 99 33.42 4.38 8.46
CA GLY B 99 34.61 4.22 9.26
C GLY B 99 35.04 5.53 9.89
N GLY B 100 36.31 5.92 9.66
CA GLY B 100 36.83 7.16 10.16
C GLY B 100 37.17 8.20 9.10
N ALA B 101 36.78 7.98 7.84
CA ALA B 101 37.05 8.91 6.77
C ALA B 101 36.15 10.14 6.80
N ALA B 102 35.38 10.32 7.86
CA ALA B 102 34.53 11.50 8.00
C ALA B 102 34.47 11.89 9.47
N ASP B 103 34.24 13.17 9.72
CA ASP B 103 34.13 13.71 11.08
C ASP B 103 32.64 13.76 11.44
N PHE B 104 32.25 12.96 12.42
CA PHE B 104 30.85 12.85 12.81
C PHE B 104 30.58 13.67 14.06
N HIS B 105 29.41 14.30 14.11
CA HIS B 105 29.01 15.12 15.25
C HIS B 105 27.49 15.03 15.41
N GLN B 106 27.03 15.17 16.64
CA GLN B 106 25.62 15.11 16.98
C GLN B 106 25.09 16.54 17.12
N ILE B 107 24.30 16.99 16.15
CA ILE B 107 23.73 18.32 16.13
C ILE B 107 22.28 18.23 15.69
N GLU B 108 21.40 18.93 16.41
CA GLU B 108 19.97 18.96 16.08
C GLU B 108 19.58 20.40 15.77
N LEU B 109 19.47 20.72 14.47
CA LEU B 109 19.09 22.05 14.06
C LEU B 109 17.63 22.32 14.41
N PRO B 110 17.25 23.59 14.64
CA PRO B 110 18.08 24.80 14.60
C PRO B 110 19.07 24.91 15.76
N ALA B 111 20.36 24.81 15.42
CA ALA B 111 21.44 24.83 16.40
C ALA B 111 22.72 25.23 15.67
N PRO B 112 23.73 25.72 16.40
CA PRO B 112 24.98 26.12 15.73
C PRO B 112 25.63 24.96 15.00
N LEU B 113 26.08 25.24 13.78
CA LEU B 113 26.75 24.28 12.92
C LEU B 113 28.23 24.61 12.81
N PRO B 114 29.07 23.62 12.48
CA PRO B 114 30.50 23.90 12.31
C PRO B 114 30.77 24.65 11.02
N ASP B 115 31.80 25.49 11.05
CA ASP B 115 32.19 26.29 9.91
C ASP B 115 33.40 25.69 9.21
N GLY B 116 33.65 26.16 7.99
CA GLY B 116 34.82 25.76 7.23
C GLY B 116 34.58 24.84 6.06
N ALA B 117 33.33 24.61 5.67
CA ALA B 117 33.01 23.73 4.55
C ALA B 117 32.81 24.51 3.27
N ASP B 118 33.19 23.91 2.16
CA ASP B 118 32.98 24.52 0.85
C ASP B 118 31.56 24.36 0.35
N ALA B 119 30.81 23.40 0.88
CA ALA B 119 29.44 23.17 0.46
C ALA B 119 28.71 22.37 1.54
N VAL B 120 27.39 22.46 1.53
CA VAL B 120 26.54 21.76 2.48
C VAL B 120 25.54 20.93 1.70
N VAL B 121 25.38 19.66 2.10
CA VAL B 121 24.41 18.77 1.48
C VAL B 121 23.56 18.13 2.57
N CYS B 122 22.33 17.78 2.19
N CYS B 122 22.30 17.84 2.23
CA CYS B 122 21.38 17.13 3.09
CA CYS B 122 21.43 17.07 3.13
C CYS B 122 20.38 16.37 2.21
C CYS B 122 20.41 16.35 2.25
N THR B 123 20.72 15.12 1.90
CA THR B 123 19.86 14.27 1.09
C THR B 123 18.88 13.54 1.99
N ALA B 124 17.73 13.17 1.42
CA ALA B 124 16.62 12.61 2.18
C ALA B 124 16.31 13.50 3.38
N ALA B 125 16.24 14.80 3.12
CA ALA B 125 16.09 15.78 4.18
C ALA B 125 14.77 15.58 4.92
N ALA B 126 14.77 15.99 6.19
CA ALA B 126 13.59 15.93 7.04
C ALA B 126 12.88 17.28 7.15
N PHE B 127 13.02 18.12 6.13
N PHE B 127 13.03 18.13 6.13
CA PHE B 127 12.37 19.43 6.16
CA PHE B 127 12.36 19.43 6.16
C PHE B 127 10.86 19.34 6.05
C PHE B 127 10.85 19.29 6.14
N ASN B 128 10.34 18.20 5.59
CA ASN B 128 8.89 18.01 5.53
C ASN B 128 8.27 17.76 6.90
N TYR B 129 9.08 17.43 7.90
CA TYR B 129 8.57 17.33 9.27
C TYR B 129 8.23 18.70 9.83
N GLN B 130 8.90 19.75 9.33
CA GLN B 130 8.67 21.10 9.82
C GLN B 130 7.36 21.65 9.28
N ALA B 131 6.61 22.31 10.15
CA ALA B 131 5.30 22.87 9.77
C ALA B 131 5.43 24.28 9.20
N SER B 132 5.95 25.21 9.98
CA SER B 132 5.93 26.61 9.61
C SER B 132 7.08 26.96 8.67
N ALA B 133 6.87 28.04 7.91
CA ALA B 133 7.94 28.56 7.07
C ALA B 133 9.07 29.15 7.90
N ARG B 134 8.77 29.60 9.11
CA ARG B 134 9.82 30.10 10.00
C ARG B 134 10.80 28.99 10.36
N SER B 135 10.29 27.77 10.60
CA SER B 135 11.17 26.66 10.91
C SER B 135 12.07 26.32 9.73
N LEU B 136 11.57 26.45 8.51
CA LEU B 136 12.42 26.28 7.34
C LEU B 136 13.45 27.39 7.25
N GLY B 137 13.07 28.62 7.61
CA GLY B 137 14.01 29.72 7.56
C GLY B 137 15.11 29.61 8.59
N GLU B 138 14.80 29.07 9.78
CA GLU B 138 15.82 28.91 10.81
C GLU B 138 16.91 27.95 10.35
N THR B 139 16.53 26.85 9.69
CA THR B 139 17.52 25.91 9.19
C THR B 139 18.36 26.53 8.09
N LEU B 140 17.72 27.27 7.18
CA LEU B 140 18.46 27.91 6.09
C LEU B 140 19.43 28.96 6.63
N ARG B 141 19.03 29.70 7.67
CA ARG B 141 19.92 30.68 8.26
C ARG B 141 21.11 30.01 8.95
N ALA B 142 20.87 28.84 9.57
CA ALA B 142 21.96 28.13 10.22
C ALA B 142 23.00 27.65 9.21
N VAL B 143 22.55 27.25 8.02
CA VAL B 143 23.48 26.82 6.99
C VAL B 143 24.23 28.01 6.39
N ALA B 144 23.51 29.11 6.12
CA ALA B 144 24.14 30.27 5.51
C ALA B 144 25.22 30.87 6.41
N THR B 145 25.11 30.66 7.72
CA THR B 145 26.11 31.20 8.64
C THR B 145 27.47 30.57 8.40
N VAL B 146 27.50 29.28 8.05
CA VAL B 146 28.76 28.54 7.92
C VAL B 146 29.06 28.26 6.45
N LEU B 147 28.63 29.16 5.56
CA LEU B 147 28.91 29.03 4.14
C LEU B 147 29.46 30.36 3.63
N PRO B 148 30.61 30.35 2.95
CA PRO B 148 31.15 31.60 2.39
C PRO B 148 30.35 32.03 1.17
N ALA B 149 30.71 33.20 0.65
CA ALA B 149 30.04 33.74 -0.52
C ALA B 149 30.24 32.82 -1.72
N GLY B 150 29.14 32.54 -2.44
CA GLY B 150 29.20 31.72 -3.62
C GLY B 150 29.08 30.22 -3.38
N ALA B 151 29.19 29.76 -2.14
CA ALA B 151 29.04 28.35 -1.85
C ALA B 151 27.59 27.92 -2.01
N THR B 152 27.37 26.61 -2.12
CA THR B 152 26.07 26.06 -2.42
C THR B 152 25.53 25.21 -1.28
N PHE B 153 24.20 25.18 -1.16
CA PHE B 153 23.49 24.29 -0.27
C PHE B 153 22.54 23.45 -1.12
N VAL B 154 22.72 22.14 -1.10
CA VAL B 154 21.92 21.21 -1.89
C VAL B 154 21.11 20.34 -0.95
N PHE B 155 19.80 20.32 -1.14
CA PHE B 155 18.91 19.50 -0.33
C PHE B 155 17.70 19.12 -1.18
N ASP B 156 16.93 18.15 -0.69
CA ASP B 156 15.73 17.70 -1.37
C ASP B 156 14.50 17.94 -0.50
N ILE B 157 13.36 18.07 -1.16
N ILE B 157 13.35 18.07 -1.15
CA ILE B 157 12.07 18.31 -0.50
CA ILE B 157 12.08 18.28 -0.48
C ILE B 157 11.00 17.48 -1.21
C ILE B 157 11.01 17.47 -1.20
N GLU B 158 10.13 16.86 -0.43
CA GLU B 158 9.02 16.10 -0.99
C GLU B 158 7.87 17.06 -1.32
N THR B 159 7.23 16.84 -2.46
CA THR B 159 6.23 17.75 -2.99
C THR B 159 4.82 17.27 -2.64
N ALA B 160 3.85 18.15 -2.92
CA ALA B 160 2.45 17.78 -2.74
C ALA B 160 2.02 16.68 -3.69
N ALA B 161 2.64 16.62 -4.88
CA ALA B 161 2.34 15.54 -5.81
C ALA B 161 2.70 14.18 -5.22
N LEU B 162 3.72 14.13 -4.35
CA LEU B 162 4.05 12.89 -3.67
C LEU B 162 3.21 12.71 -2.41
N LEU B 163 3.10 13.76 -1.60
CA LEU B 163 2.38 13.66 -0.33
C LEU B 163 0.89 13.43 -0.56
N LYS B 164 0.27 14.23 -1.42
CA LYS B 164 -1.17 14.18 -1.67
C LYS B 164 -1.52 13.30 -2.85
N GLY B 165 -0.78 13.39 -3.95
CA GLY B 165 -1.13 12.69 -5.17
C GLY B 165 -0.79 11.21 -5.17
N HIS B 166 0.45 10.88 -4.80
CA HIS B 166 0.91 9.49 -4.84
C HIS B 166 0.58 8.74 -3.55
N TRP B 167 1.08 9.23 -2.42
CA TRP B 167 0.82 8.60 -1.13
C TRP B 167 -0.65 8.73 -0.76
N GLY B 168 -1.10 9.93 -0.43
CA GLY B 168 -2.52 10.17 -0.21
C GLY B 168 -3.06 9.36 0.95
N ASN B 169 -4.07 8.55 0.68
CA ASN B 169 -4.65 7.65 1.67
C ASN B 169 -4.35 6.20 1.39
N ARG B 170 -3.28 5.92 0.64
CA ARG B 170 -2.91 4.56 0.30
C ARG B 170 -2.04 3.94 1.40
N VAL B 171 -1.87 2.63 1.33
CA VAL B 171 -1.05 1.88 2.27
C VAL B 171 0.04 1.17 1.50
N TRP B 172 1.27 1.28 1.98
CA TRP B 172 2.40 0.52 1.47
C TRP B 172 2.92 -0.37 2.59
N ALA B 173 3.16 -1.64 2.27
CA ALA B 173 3.63 -2.60 3.26
C ALA B 173 4.32 -3.74 2.55
N ALA B 174 5.15 -4.46 3.30
CA ALA B 174 5.87 -5.59 2.76
C ALA B 174 6.27 -6.52 3.89
N ASP B 175 6.27 -7.82 3.60
CA ASP B 175 6.73 -8.86 4.52
C ASP B 175 7.96 -9.50 3.88
N GLU B 176 9.14 -9.10 4.34
CA GLU B 176 10.40 -9.60 3.81
C GLU B 176 11.03 -10.66 4.71
N GLY B 177 10.22 -11.40 5.45
CA GLY B 177 10.71 -12.46 6.31
C GLY B 177 11.25 -11.95 7.64
N ASP B 178 12.52 -11.56 7.65
CA ASP B 178 13.14 -11.01 8.85
C ASP B 178 12.75 -9.56 9.10
N LEU B 179 12.17 -8.88 8.11
CA LEU B 179 11.75 -7.50 8.24
C LEU B 179 10.37 -7.33 7.64
N ALA B 180 9.47 -6.70 8.40
CA ALA B 180 8.13 -6.39 7.92
C ALA B 180 7.79 -4.97 8.34
N PHE B 181 7.20 -4.20 7.44
CA PHE B 181 6.95 -2.80 7.70
C PHE B 181 5.67 -2.36 7.01
N ILE B 182 5.08 -1.29 7.54
CA ILE B 182 3.81 -0.76 7.06
C ILE B 182 3.90 0.75 7.00
N TRP B 183 3.59 1.33 5.84
N TRP B 183 3.61 1.33 5.84
CA TRP B 183 3.47 2.77 5.68
CA TRP B 183 3.47 2.77 5.65
C TRP B 183 2.01 3.09 5.41
C TRP B 183 2.00 3.07 5.41
N ASP B 184 1.33 3.61 6.43
CA ASP B 184 -0.11 3.90 6.37
C ASP B 184 -0.29 5.41 6.27
N PHE B 185 -0.66 5.89 5.08
CA PHE B 185 -0.80 7.31 4.83
C PHE B 185 -2.25 7.75 4.95
N THR B 186 -2.46 8.96 5.47
CA THR B 186 -3.78 9.57 5.58
C THR B 186 -3.69 10.99 5.04
N SER B 187 -4.65 11.35 4.19
CA SER B 187 -4.62 12.65 3.53
C SER B 187 -6.04 13.15 3.29
N GLU B 188 -6.28 14.42 3.63
CA GLU B 188 -7.55 15.08 3.41
C GLU B 188 -7.45 16.01 2.20
N PRO B 189 -8.54 16.18 1.45
CA PRO B 189 -8.46 16.99 0.22
C PRO B 189 -8.27 18.47 0.48
N ASP B 190 -8.73 18.98 1.63
CA ASP B 190 -8.67 20.41 1.93
C ASP B 190 -7.39 20.82 2.66
N THR B 191 -6.36 19.97 2.65
CA THR B 191 -5.14 20.23 3.38
C THR B 191 -3.94 20.22 2.44
N THR B 192 -2.82 20.73 2.94
CA THR B 192 -1.55 20.71 2.22
C THR B 192 -0.54 19.79 2.89
N TYR B 193 -1.01 18.78 3.61
CA TYR B 193 -0.15 17.87 4.33
C TYR B 193 -0.73 16.47 4.26
N CYS B 194 0.04 15.50 4.75
CA CYS B 194 -0.44 14.14 4.93
C CYS B 194 0.19 13.56 6.20
N ASP B 195 -0.51 12.60 6.79
CA ASP B 195 -0.02 11.88 7.96
C ASP B 195 0.38 10.48 7.54
N VAL B 196 1.41 9.95 8.21
CA VAL B 196 1.87 8.59 7.96
C VAL B 196 2.03 7.88 9.29
N HIS B 197 1.44 6.68 9.39
CA HIS B 197 1.62 5.79 10.52
C HIS B 197 2.54 4.66 10.09
N TYR B 198 3.72 4.58 10.69
CA TYR B 198 4.72 3.58 10.36
C TYR B 198 4.75 2.50 11.42
N THR B 199 4.79 1.24 10.98
CA THR B 199 4.90 0.09 11.87
C THR B 199 6.00 -0.82 11.33
N GLN B 200 6.76 -1.43 12.23
CA GLN B 200 7.91 -2.22 11.85
C GLN B 200 8.07 -3.42 12.77
N PHE B 201 8.37 -4.57 12.19
CA PHE B 201 8.64 -5.80 12.92
C PHE B 201 9.96 -6.38 12.43
N THR B 202 10.87 -6.67 13.37
CA THR B 202 12.21 -7.15 13.04
C THR B 202 12.55 -8.38 13.86
N ARG B 203 13.32 -9.28 13.25
N ARG B 203 13.30 -9.29 13.24
CA ARG B 203 13.74 -10.53 13.88
CA ARG B 203 13.74 -10.54 13.86
C ARG B 203 15.24 -10.65 13.76
C ARG B 203 15.26 -10.63 13.76
N HIS B 204 15.91 -11.04 14.85
CA HIS B 204 17.36 -11.08 14.91
C HIS B 204 17.81 -12.49 15.28
N GLU B 205 18.60 -12.65 16.33
CA GLU B 205 19.34 -13.90 16.56
C GLU B 205 18.41 -15.09 16.80
N ALA B 206 17.18 -14.84 17.24
CA ALA B 206 16.24 -15.94 17.46
C ALA B 206 16.00 -16.72 16.17
N GLY B 207 15.78 -16.01 15.06
CA GLY B 207 15.63 -16.62 13.76
C GLY B 207 14.44 -17.55 13.63
N ALA B 208 13.55 -17.56 14.62
CA ALA B 208 12.37 -18.42 14.57
C ALA B 208 11.09 -17.61 14.51
N ASP B 209 10.61 -17.16 15.67
CA ASP B 209 9.37 -16.40 15.74
C ASP B 209 9.45 -15.42 16.91
N ALA B 210 10.40 -14.49 16.85
CA ALA B 210 10.59 -13.47 17.87
C ALA B 210 10.78 -12.14 17.15
N TYR B 211 9.69 -11.40 16.97
CA TYR B 211 9.70 -10.12 16.29
C TYR B 211 9.55 -8.98 17.28
N THR B 212 10.33 -7.93 17.10
CA THR B 212 10.22 -6.71 17.89
C THR B 212 9.45 -5.67 17.08
N GLY B 213 8.40 -5.11 17.68
CA GLY B 213 7.56 -4.15 17.01
C GLY B 213 7.82 -2.73 17.50
N VAL B 214 7.97 -1.82 16.54
CA VAL B 214 8.14 -0.40 16.83
C VAL B 214 7.22 0.40 15.91
N ARG B 215 6.77 1.56 16.40
CA ARG B 215 5.89 2.42 15.64
C ARG B 215 6.38 3.86 15.71
N GLU B 216 6.03 4.64 14.69
CA GLU B 216 6.22 6.08 14.72
C GLU B 216 5.19 6.72 13.80
N VAL B 217 4.82 7.95 14.13
N VAL B 217 4.82 7.95 14.14
CA VAL B 217 3.83 8.70 13.37
CA VAL B 217 3.82 8.72 13.39
C VAL B 217 4.36 10.11 13.14
C VAL B 217 4.40 10.10 13.13
N HIS B 218 4.27 10.58 11.90
CA HIS B 218 4.75 11.91 11.53
C HIS B 218 3.78 12.55 10.54
N ARG B 219 3.66 13.87 10.63
CA ARG B 219 2.93 14.66 9.66
C ARG B 219 3.93 15.24 8.65
N LEU B 220 3.60 15.13 7.37
CA LEU B 220 4.47 15.58 6.29
C LEU B 220 3.85 16.79 5.62
N TYR B 221 4.54 17.92 5.67
CA TYR B 221 4.04 19.17 5.13
C TYR B 221 4.66 19.47 3.77
N ALA B 222 3.91 20.18 2.93
CA ALA B 222 4.37 20.61 1.62
C ALA B 222 4.63 22.11 1.63
N PHE B 223 5.66 22.53 0.89
CA PHE B 223 6.03 23.94 0.78
C PHE B 223 6.01 24.36 -0.68
N ASP B 224 5.39 25.50 -0.96
CA ASP B 224 5.40 26.03 -2.32
C ASP B 224 6.73 26.71 -2.61
N HIS B 225 6.99 26.92 -3.91
CA HIS B 225 8.28 27.47 -4.32
C HIS B 225 8.46 28.90 -3.84
N ASP B 226 7.39 29.69 -3.81
CA ASP B 226 7.50 31.06 -3.35
C ASP B 226 7.91 31.11 -1.88
N THR B 227 7.45 30.17 -1.08
CA THR B 227 7.84 30.13 0.33
C THR B 227 9.31 29.77 0.48
N VAL B 228 9.77 28.76 -0.25
CA VAL B 228 11.16 28.33 -0.14
C VAL B 228 12.11 29.45 -0.57
N ARG B 229 11.80 30.10 -1.70
CA ARG B 229 12.67 31.15 -2.21
C ARG B 229 12.66 32.38 -1.30
N ALA B 230 11.49 32.73 -0.77
CA ALA B 230 11.41 33.88 0.13
C ALA B 230 12.25 33.67 1.38
N GLN B 231 12.19 32.47 1.97
CA GLN B 231 13.02 32.17 3.12
C GLN B 231 14.49 32.08 2.74
N ALA B 232 14.78 31.56 1.55
CA ALA B 232 16.17 31.47 1.11
C ALA B 232 16.79 32.85 0.92
N ARG B 233 16.04 33.78 0.31
CA ARG B 233 16.54 35.13 0.15
C ARG B 233 16.75 35.81 1.50
N ALA B 234 15.85 35.55 2.46
CA ALA B 234 16.01 36.13 3.79
C ALA B 234 17.16 35.50 4.56
N ALA B 235 17.46 34.24 4.27
CA ALA B 235 18.53 33.54 4.97
C ALA B 235 19.91 33.89 4.42
N GLY B 236 20.00 34.40 3.19
CA GLY B 236 21.28 34.74 2.62
C GLY B 236 21.57 34.00 1.33
N PHE B 237 20.53 33.49 0.68
CA PHE B 237 20.65 32.80 -0.60
C PHE B 237 19.83 33.56 -1.63
N ALA B 238 20.50 34.37 -2.45
CA ALA B 238 19.78 35.14 -3.47
C ALA B 238 19.28 34.23 -4.58
N GLN B 239 20.08 33.27 -5.02
CA GLN B 239 19.72 32.36 -6.09
C GLN B 239 19.20 31.06 -5.51
N ALA B 240 18.04 30.62 -6.01
CA ALA B 240 17.41 29.38 -5.56
C ALA B 240 16.91 28.64 -6.79
N GLU B 241 17.57 27.53 -7.12
CA GLU B 241 17.22 26.72 -8.28
C GLU B 241 16.64 25.39 -7.80
N VAL B 242 15.62 24.91 -8.51
CA VAL B 242 14.94 23.66 -8.17
C VAL B 242 14.99 22.73 -9.37
N PHE B 243 15.22 21.45 -9.09
CA PHE B 243 15.36 20.43 -10.13
C PHE B 243 14.48 19.23 -9.77
N ASP B 244 14.29 18.35 -10.75
CA ASP B 244 13.44 17.18 -10.60
C ASP B 244 14.29 15.98 -10.18
N ASN B 245 14.36 15.74 -8.87
CA ASN B 245 14.91 14.50 -8.30
C ASN B 245 16.33 14.22 -8.81
N TYR B 246 17.22 15.17 -8.51
CA TYR B 246 18.66 15.00 -8.77
C TYR B 246 18.94 14.76 -10.25
N THR B 247 18.19 15.44 -11.11
CA THR B 247 18.48 15.49 -12.54
C THR B 247 18.54 16.96 -12.96
N GLU B 248 19.05 17.20 -14.16
CA GLU B 248 19.11 18.56 -14.68
C GLU B 248 17.76 19.05 -15.21
N ARG B 249 16.75 18.20 -15.25
CA ARG B 249 15.44 18.64 -15.72
C ARG B 249 14.75 19.47 -14.64
N PRO B 250 14.03 20.52 -15.02
CA PRO B 250 13.36 21.36 -14.02
C PRO B 250 12.20 20.64 -13.35
N ALA B 251 11.76 21.20 -12.23
CA ALA B 251 10.65 20.64 -11.49
C ALA B 251 9.32 21.01 -12.15
N THR B 252 8.44 20.03 -12.26
CA THR B 252 7.12 20.22 -12.84
C THR B 252 6.06 19.86 -11.81
N ASP B 253 4.81 19.72 -12.27
CA ASP B 253 3.72 19.32 -11.40
C ASP B 253 3.75 17.82 -11.09
N THR B 254 4.49 17.03 -11.86
CA THR B 254 4.63 15.60 -11.60
C THR B 254 5.83 15.27 -10.72
N THR B 255 6.64 16.26 -10.38
CA THR B 255 7.84 16.02 -9.59
C THR B 255 7.46 15.58 -8.17
N ARG B 256 8.02 14.46 -7.74
CA ARG B 256 7.79 13.96 -6.39
C ARG B 256 8.87 14.40 -5.41
N TYR B 257 10.10 14.55 -5.89
CA TYR B 257 11.23 14.98 -5.06
C TYR B 257 11.92 16.15 -5.75
N GLU B 258 11.80 17.33 -5.16
CA GLU B 258 12.49 18.51 -5.68
C GLU B 258 13.90 18.55 -5.10
N THR B 259 14.88 18.81 -5.96
CA THR B 259 16.26 19.02 -5.53
C THR B 259 16.56 20.51 -5.65
N TRP B 260 16.78 21.16 -4.51
CA TRP B 260 17.05 22.59 -4.46
C TRP B 260 18.55 22.84 -4.39
N VAL B 261 19.00 23.84 -5.14
CA VAL B 261 20.40 24.28 -5.12
C VAL B 261 20.38 25.77 -4.78
N LEU B 262 20.74 26.10 -3.55
CA LEU B 262 20.80 27.48 -3.09
C LEU B 262 22.24 27.98 -3.16
N THR B 263 22.40 29.24 -3.56
CA THR B 263 23.71 29.86 -3.72
C THR B 263 23.83 31.01 -2.74
N ARG B 264 24.85 30.96 -1.89
CA ARG B 264 25.05 31.97 -0.86
C ARG B 264 25.30 33.34 -1.48
N ASP B 265 24.79 34.38 -0.81
CA ASP B 265 24.97 35.75 -1.27
C ASP B 265 26.45 36.14 -1.18
N GLU B 266 26.78 37.24 -1.87
CA GLU B 266 28.14 37.78 -1.83
C GLU B 266 28.46 38.52 -0.54
N ARG B 267 27.48 38.67 0.35
CA ARG B 267 27.70 39.36 1.62
C ARG B 267 28.28 38.40 2.65
P PO4 C . -17.58 -13.38 -24.58
O1 PO4 C . -17.79 -14.87 -24.79
O2 PO4 C . -18.26 -12.61 -25.68
O3 PO4 C . -16.10 -13.08 -24.59
O4 PO4 C . -18.16 -12.98 -23.24
P PO4 D . -10.07 -22.69 8.65
P PO4 D . -11.02 -23.26 9.72
O1 PO4 D . -8.83 -23.37 9.15
O1 PO4 D . -9.59 -23.38 9.24
O2 PO4 D . -10.13 -22.80 7.14
O2 PO4 D . -11.95 -23.90 8.72
O3 PO4 D . -10.05 -21.23 9.04
O3 PO4 D . -11.37 -21.80 9.90
O4 PO4 D . -11.29 -23.34 9.25
O4 PO4 D . -11.15 -23.98 11.05
K K E . -4.55 4.66 4.56
P PO4 F . 10.07 27.36 -10.57
P PO4 F . 8.79 28.41 -10.05
O1 PO4 F . 10.23 25.90 -10.94
O1 PO4 F . 8.51 27.19 -10.91
O2 PO4 F . 9.28 28.06 -11.65
O2 PO4 F . 7.49 28.99 -9.58
O3 PO4 F . 11.42 27.99 -10.43
O3 PO4 F . 9.54 29.43 -10.87
O4 PO4 F . 9.32 27.46 -9.26
O4 PO4 F . 9.63 28.00 -8.86
C FMT G . 8.65 8.02 4.20
O1 FMT G . 9.77 8.28 3.75
O2 FMT G . 8.13 8.60 5.15
#